data_3NH3
#
_entry.id   3NH3
#
_cell.length_a   163.051
_cell.length_b   163.051
_cell.length_c   163.051
_cell.angle_alpha   90.00
_cell.angle_beta   90.00
_cell.angle_gamma   90.00
#
_symmetry.space_group_name_H-M   'P 4 3 2'
#
loop_
_entity.id
_entity.type
_entity.pdbx_description
1 polymer '6-hydroxy-L-nicotine oxidase'
2 non-polymer 5-[(2S)-1-methylpyrrolidin-2-yl]pyridin-2-ol
3 non-polymer 'FLAVIN-ADENINE DINUCLEOTIDE'
4 non-polymer '(1R)-2-{[(S)-(2-aminoethoxy)(hydroxy)phosphoryl]oxy}-1-[(pentadecanoyloxy)methyl]ethyl (12E)-hexadeca-9,12-dienoate'
5 non-polymer 1-(6-hydroxypyridin-3-yl)-4-(methylamino)butan-1-one
6 water water
#
_entity_poly.entity_id   1
_entity_poly.type   'polypeptide(L)'
_entity_poly.pdbx_seq_one_letter_code
;MYDAIVVGGGFSGLKAARDLTNAGKKVLLLEGGERLGGRAYSRESRNVPGLRVEIGGAYLHRKHHPRLAAELDRYGIPTA
AASEFTSFRHRLGPTAVDQAFPIPGSEAVAVEAATYTLLRDAHRIDLEKGLENQDLEDLDIPLNEYVDKLDLPPVSRQFL
LAWAWNMLGQPADQASALWMLQLVAAHHYSILGVVLSLDEVFSNGSADLVDAMSQEIPEIRLQTVVTGIDQSGDVVNVTV
KDGHAFQAHSVIVATPMNTWRRIVFTPALPERRRSVIEEGHGGQGLKILIHVRGAEAGIECVGDGIFPTLYDYCEVSESE
RLLVAFTDSGSFDPTDIGAVKDAVLYYLPEVEVLGIDYHDWIADPLFEGPWVAPRVGQFSRVHKELGEPAGRIHFVGSDV
SLEFPGYIEGALETAECAVNAILHSHHHHHH
;
_entity_poly.pdbx_strand_id   X
#
# COMPACT_ATOMS: atom_id res chain seq x y z
N MET A 1 12.06 -21.10 24.12
CA MET A 1 11.36 -19.82 24.14
C MET A 1 12.30 -18.68 23.75
N TYR A 2 11.72 -17.59 23.27
CA TYR A 2 12.44 -16.58 22.52
C TYR A 2 12.32 -15.23 23.23
N ASP A 3 13.24 -14.31 23.01
CA ASP A 3 12.98 -12.93 23.40
C ASP A 3 11.75 -12.34 22.73
N ALA A 4 11.60 -12.64 21.45
CA ALA A 4 10.53 -12.08 20.63
C ALA A 4 10.09 -13.04 19.53
N ILE A 5 8.79 -13.18 19.38
CA ILE A 5 8.24 -13.73 18.16
C ILE A 5 7.69 -12.65 17.24
N VAL A 6 8.12 -12.68 16.00
CA VAL A 6 7.53 -11.84 14.97
C VAL A 6 6.57 -12.64 14.10
N VAL A 7 5.33 -12.17 14.05
CA VAL A 7 4.32 -12.78 13.21
C VAL A 7 4.11 -12.03 11.89
N GLY A 8 4.54 -12.65 10.80
CA GLY A 8 4.47 -12.05 9.49
C GLY A 8 5.81 -11.71 8.87
N GLY A 9 6.02 -12.16 7.65
CA GLY A 9 7.28 -12.02 6.97
C GLY A 9 7.27 -11.06 5.79
N GLY A 10 6.46 -10.02 5.88
CA GLY A 10 6.64 -8.86 5.04
C GLY A 10 7.78 -7.97 5.49
N PHE A 11 7.89 -6.79 4.90
CA PHE A 11 9.03 -5.93 5.14
C PHE A 11 9.12 -5.50 6.60
N SER A 12 7.95 -5.26 7.19
CA SER A 12 7.85 -4.93 8.60
CA SER A 12 7.85 -4.95 8.60
C SER A 12 8.38 -6.03 9.56
N GLY A 13 7.86 -7.24 9.41
CA GLY A 13 8.35 -8.39 10.16
C GLY A 13 9.82 -8.66 9.96
N LEU A 14 10.24 -8.61 8.71
CA LEU A 14 11.61 -8.85 8.33
C LEU A 14 12.53 -7.83 8.98
N LYS A 15 12.18 -6.56 8.90
CA LYS A 15 12.96 -5.54 9.55
C LYS A 15 13.04 -5.74 11.06
N ALA A 16 11.91 -6.00 11.68
CA ALA A 16 11.86 -6.14 13.12
C ALA A 16 12.69 -7.32 13.58
N ALA A 17 12.47 -8.46 12.95
CA ALA A 17 13.25 -9.66 13.19
C ALA A 17 14.75 -9.47 13.03
N ARG A 18 15.16 -8.86 11.95
CA ARG A 18 16.57 -8.65 11.68
C ARG A 18 17.23 -7.74 12.70
N ASP A 19 16.53 -6.68 13.07
CA ASP A 19 17.11 -5.66 13.89
C ASP A 19 17.18 -6.14 15.34
N LEU A 20 16.14 -6.81 15.80
CA LEU A 20 16.18 -7.49 17.08
C LEU A 20 17.28 -8.54 17.17
N THR A 21 17.46 -9.31 16.10
CA THR A 21 18.57 -10.24 16.01
C THR A 21 19.92 -9.55 16.16
N ASN A 22 20.12 -8.45 15.44
CA ASN A 22 21.39 -7.81 15.45
C ASN A 22 21.65 -7.14 16.79
N ALA A 23 20.59 -6.78 17.47
CA ALA A 23 20.70 -6.33 18.85
C ALA A 23 20.98 -7.45 19.88
N GLY A 24 21.11 -8.69 19.43
CA GLY A 24 21.45 -9.78 20.31
C GLY A 24 20.27 -10.48 20.96
N LYS A 25 19.07 -10.15 20.50
CA LYS A 25 17.89 -10.84 20.98
C LYS A 25 17.74 -12.19 20.29
N LYS A 26 17.00 -13.08 20.94
CA LYS A 26 16.65 -14.36 20.35
C LYS A 26 15.26 -14.32 19.72
N VAL A 27 15.22 -14.40 18.40
CA VAL A 27 14.01 -14.07 17.65
C VAL A 27 13.53 -15.23 16.80
N LEU A 28 12.23 -15.42 16.79
CA LEU A 28 11.61 -16.31 15.83
C LEU A 28 10.63 -15.57 14.93
N LEU A 29 10.80 -15.76 13.63
CA LEU A 29 9.84 -15.25 12.66
C LEU A 29 8.92 -16.33 12.12
N LEU A 30 7.63 -16.16 12.34
CA LEU A 30 6.60 -17.07 11.79
C LEU A 30 5.84 -16.43 10.59
N GLU A 31 5.91 -17.06 9.42
CA GLU A 31 5.21 -16.60 8.27
C GLU A 31 4.16 -17.66 7.88
N GLY A 32 2.92 -17.26 7.71
CA GLY A 32 1.86 -18.16 7.32
C GLY A 32 1.93 -18.72 5.89
N GLY A 33 2.46 -17.96 4.94
CA GLY A 33 2.62 -18.43 3.57
C GLY A 33 3.83 -19.25 3.22
N GLU A 34 4.02 -19.48 1.92
CA GLU A 34 5.18 -20.18 1.38
C GLU A 34 6.27 -19.27 0.91
N ARG A 35 6.15 -17.98 1.14
CA ARG A 35 7.19 -17.08 0.69
C ARG A 35 7.30 -15.92 1.64
N LEU A 36 8.42 -15.23 1.60
CA LEU A 36 8.54 -13.99 2.34
C LEU A 36 8.25 -12.80 1.44
N GLY A 37 7.77 -11.72 2.03
CA GLY A 37 7.66 -10.45 1.34
C GLY A 37 6.27 -9.85 1.35
N GLY A 38 5.27 -10.69 1.56
CA GLY A 38 3.93 -10.23 1.78
C GLY A 38 3.34 -9.51 0.59
N ARG A 39 2.89 -8.29 0.82
CA ARG A 39 2.30 -7.50 -0.25
C ARG A 39 3.34 -6.91 -1.20
N ALA A 40 4.61 -7.09 -0.90
CA ALA A 40 5.64 -6.91 -1.90
C ALA A 40 5.95 -8.31 -2.51
N TYR A 41 5.52 -8.54 -3.75
CA TYR A 41 5.48 -9.86 -4.36
C TYR A 41 5.96 -9.80 -5.77
N SER A 42 7.26 -9.97 -6.01
CA SER A 42 7.75 -10.16 -7.38
C SER A 42 7.76 -11.61 -7.78
N ARG A 43 7.39 -11.96 -9.03
CA ARG A 43 7.38 -13.36 -9.43
C ARG A 43 7.28 -13.36 -10.95
N GLU A 44 7.26 -14.54 -11.54
CA GLU A 44 7.26 -14.63 -12.98
C GLU A 44 5.84 -14.22 -13.46
N SER A 45 5.80 -13.49 -14.59
CA SER A 45 4.54 -13.12 -15.30
C SER A 45 3.70 -14.35 -15.62
N ARG A 46 2.42 -14.32 -15.29
CA ARG A 46 1.44 -15.28 -15.81
C ARG A 46 1.30 -15.25 -17.33
N ASN A 47 1.70 -14.14 -17.95
CA ASN A 47 1.42 -13.95 -19.36
C ASN A 47 2.65 -14.14 -20.21
N VAL A 48 3.81 -13.82 -19.64
CA VAL A 48 5.05 -13.77 -20.38
C VAL A 48 6.17 -14.57 -19.71
N PRO A 49 6.35 -15.81 -20.14
CA PRO A 49 7.40 -16.67 -19.60
C PRO A 49 8.75 -16.00 -19.50
N GLY A 50 9.39 -16.14 -18.35
CA GLY A 50 10.72 -15.62 -18.14
C GLY A 50 10.77 -14.17 -17.71
N LEU A 51 9.61 -13.57 -17.55
CA LEU A 51 9.54 -12.17 -17.18
C LEU A 51 9.15 -12.00 -15.73
N ARG A 52 9.95 -11.24 -14.99
CA ARG A 52 9.68 -10.92 -13.60
CA ARG A 52 9.67 -10.94 -13.62
C ARG A 52 8.81 -9.68 -13.48
N VAL A 53 7.72 -9.80 -12.73
CA VAL A 53 6.84 -8.68 -12.50
C VAL A 53 6.54 -8.43 -11.03
N GLU A 54 6.14 -7.21 -10.71
CA GLU A 54 5.62 -6.91 -9.39
C GLU A 54 4.11 -6.98 -9.35
N ILE A 55 3.62 -7.89 -8.53
CA ILE A 55 2.19 -8.08 -8.40
C ILE A 55 1.58 -7.32 -7.24
N GLY A 56 2.42 -6.87 -6.32
CA GLY A 56 2.02 -5.86 -5.37
C GLY A 56 2.90 -4.64 -5.41
N GLY A 57 3.48 -4.29 -4.27
CA GLY A 57 4.25 -3.08 -4.12
C GLY A 57 5.51 -3.04 -4.97
N ALA A 58 5.77 -1.89 -5.57
CA ALA A 58 6.76 -1.79 -6.62
C ALA A 58 7.50 -0.46 -6.64
N TYR A 59 6.78 0.61 -6.39
CA TYR A 59 7.33 1.93 -6.59
C TYR A 59 7.84 2.56 -5.30
N LEU A 60 8.90 3.34 -5.45
CA LEU A 60 9.47 4.05 -4.34
C LEU A 60 10.07 5.38 -4.79
N HIS A 61 10.32 6.23 -3.82
CA HIS A 61 10.97 7.52 -4.03
C HIS A 61 11.92 7.78 -2.88
N ARG A 62 13.22 7.77 -3.17
CA ARG A 62 14.25 7.83 -2.16
C ARG A 62 14.12 9.01 -1.21
N LYS A 63 13.61 10.12 -1.71
CA LYS A 63 13.47 11.30 -0.90
C LYS A 63 12.27 11.28 0.04
N HIS A 64 11.21 10.59 -0.34
CA HIS A 64 10.09 10.45 0.55
C HIS A 64 10.23 9.22 1.43
N HIS A 65 11.11 8.31 1.02
CA HIS A 65 11.21 6.99 1.61
C HIS A 65 12.63 6.67 2.06
N PRO A 66 13.11 7.37 3.09
CA PRO A 66 14.53 7.33 3.44
C PRO A 66 14.96 6.02 4.10
N ARG A 67 14.08 5.42 4.87
CA ARG A 67 14.38 4.14 5.48
C ARG A 67 14.53 3.08 4.42
N LEU A 68 13.63 3.07 3.45
CA LEU A 68 13.77 2.20 2.30
C LEU A 68 15.03 2.50 1.52
N ALA A 69 15.34 3.77 1.37
CA ALA A 69 16.55 4.16 0.67
C ALA A 69 17.76 3.62 1.39
N ALA A 70 17.71 3.66 2.71
CA ALA A 70 18.75 3.09 3.55
C ALA A 70 18.93 1.59 3.34
N GLU A 71 17.84 0.84 3.34
CA GLU A 71 17.85 -0.58 3.02
C GLU A 71 18.50 -0.89 1.68
N LEU A 72 18.12 -0.15 0.65
CA LEU A 72 18.72 -0.31 -0.65
C LEU A 72 20.22 -0.05 -0.68
N ASP A 73 20.67 1.01 -0.03
CA ASP A 73 22.09 1.32 0.03
C ASP A 73 22.85 0.26 0.83
N ARG A 74 22.26 -0.12 1.96
CA ARG A 74 22.82 -1.18 2.80
C ARG A 74 23.15 -2.47 2.07
N TYR A 75 22.25 -2.94 1.22
CA TYR A 75 22.48 -4.20 0.53
C TYR A 75 22.94 -4.05 -0.92
N GLY A 76 23.16 -2.82 -1.37
CA GLY A 76 23.61 -2.59 -2.78
C GLY A 76 22.51 -3.00 -3.78
N ILE A 77 21.26 -2.72 -3.48
CA ILE A 77 20.21 -3.23 -4.31
C ILE A 77 19.89 -2.20 -5.42
N PRO A 78 20.03 -2.58 -6.72
CA PRO A 78 19.78 -1.58 -7.76
C PRO A 78 18.30 -1.26 -7.98
N THR A 79 18.04 0.02 -8.27
CA THR A 79 16.75 0.54 -8.68
C THR A 79 16.90 1.38 -9.96
N ALA A 80 15.78 1.64 -10.63
CA ALA A 80 15.69 2.52 -11.78
C ALA A 80 14.23 2.91 -11.91
N ALA A 81 13.90 3.80 -12.84
CA ALA A 81 12.51 3.93 -13.26
C ALA A 81 12.11 2.88 -14.30
N ALA A 82 10.87 2.41 -14.22
CA ALA A 82 10.39 1.32 -15.07
C ALA A 82 10.22 1.77 -16.51
N SER A 83 9.88 3.04 -16.68
CA SER A 83 9.72 3.63 -18.01
C SER A 83 9.76 5.15 -17.99
N GLU A 84 10.25 5.75 -19.07
CA GLU A 84 9.99 7.15 -19.38
C GLU A 84 8.56 7.32 -19.86
N PHE A 85 7.84 8.29 -19.31
CA PHE A 85 6.53 8.67 -19.84
CA PHE A 85 6.49 8.68 -19.82
C PHE A 85 6.52 9.81 -20.84
N THR A 86 6.14 9.53 -22.08
CA THR A 86 6.34 10.48 -23.16
C THR A 86 5.10 10.64 -24.03
N SER A 87 4.14 9.77 -23.85
CA SER A 87 2.97 9.80 -24.70
C SER A 87 1.70 9.79 -23.85
N PHE A 88 0.98 10.89 -23.87
CA PHE A 88 -0.13 11.07 -22.97
C PHE A 88 -1.47 10.97 -23.68
N ARG A 89 -2.31 10.05 -23.21
CA ARG A 89 -3.52 9.68 -23.90
C ARG A 89 -4.70 9.79 -22.95
N HIS A 90 -4.96 10.99 -22.46
CA HIS A 90 -5.89 11.20 -21.38
C HIS A 90 -7.33 11.17 -21.87
N ARG A 91 -8.23 10.83 -20.98
CA ARG A 91 -9.64 11.05 -21.18
C ARG A 91 -10.22 12.02 -20.16
N LEU A 92 -9.95 13.30 -20.39
CA LEU A 92 -10.29 14.34 -19.46
C LEU A 92 -11.12 15.43 -20.14
N GLY A 93 -11.57 15.15 -21.35
CA GLY A 93 -12.37 16.08 -22.11
C GLY A 93 -11.56 16.88 -23.11
N PRO A 94 -12.27 17.59 -23.98
CA PRO A 94 -11.62 18.20 -25.14
C PRO A 94 -10.71 19.36 -24.77
N THR A 95 -10.77 19.94 -23.55
CA THR A 95 -9.91 21.11 -23.21
C THR A 95 -8.60 20.61 -22.49
N ALA A 96 -8.52 19.34 -22.14
CA ALA A 96 -7.30 18.84 -21.53
C ALA A 96 -6.10 18.96 -22.46
N VAL A 97 -4.93 19.13 -21.89
CA VAL A 97 -3.71 19.01 -22.66
C VAL A 97 -3.02 17.67 -22.46
N ASP A 98 -2.45 17.15 -23.53
CA ASP A 98 -1.80 15.86 -23.47
C ASP A 98 -0.39 15.95 -22.95
N GLN A 99 -0.28 16.12 -21.64
CA GLN A 99 0.97 16.19 -20.93
C GLN A 99 0.71 15.54 -19.59
N ALA A 100 1.77 15.40 -18.80
CA ALA A 100 1.69 14.80 -17.50
C ALA A 100 0.85 15.63 -16.62
N PHE A 101 0.88 16.96 -16.79
CA PHE A 101 0.03 17.80 -15.95
C PHE A 101 -0.92 18.37 -16.97
N PRO A 102 -2.15 17.78 -17.09
CA PRO A 102 -2.96 18.11 -18.28
C PRO A 102 -3.90 19.31 -18.15
N ILE A 103 -3.77 20.13 -17.10
CA ILE A 103 -4.72 21.16 -16.77
C ILE A 103 -4.54 22.31 -17.77
N PRO A 104 -5.62 22.81 -18.38
CA PRO A 104 -5.35 23.87 -19.32
C PRO A 104 -5.35 25.24 -18.57
N GLY A 105 -4.88 26.29 -19.26
CA GLY A 105 -4.83 27.68 -18.71
C GLY A 105 -6.13 28.19 -18.23
N SER A 106 -7.22 27.80 -18.86
CA SER A 106 -8.50 28.32 -18.40
C SER A 106 -8.86 27.76 -17.06
N GLU A 107 -8.18 26.73 -16.59
CA GLU A 107 -8.47 26.20 -15.26
C GLU A 107 -7.49 26.63 -14.18
N ALA A 108 -6.52 27.44 -14.54
CA ALA A 108 -5.37 27.69 -13.68
C ALA A 108 -5.74 28.35 -12.36
N VAL A 109 -6.62 29.33 -12.40
CA VAL A 109 -7.05 30.03 -11.21
C VAL A 109 -7.77 29.10 -10.26
N ALA A 110 -8.64 28.25 -10.81
CA ALA A 110 -9.38 27.28 -10.02
C ALA A 110 -8.45 26.30 -9.32
N VAL A 111 -7.41 25.88 -10.01
CA VAL A 111 -6.44 24.98 -9.45
C VAL A 111 -5.61 25.61 -8.33
N GLU A 112 -5.11 26.81 -8.60
CA GLU A 112 -4.48 27.64 -7.59
C GLU A 112 -5.27 27.66 -6.29
N ALA A 113 -6.55 28.00 -6.38
CA ALA A 113 -7.39 28.14 -5.21
C ALA A 113 -7.60 26.82 -4.47
N ALA A 114 -7.82 25.75 -5.23
CA ALA A 114 -7.97 24.41 -4.66
C ALA A 114 -6.69 23.93 -4.03
N THR A 115 -5.57 24.16 -4.69
CA THR A 115 -4.30 23.89 -4.11
C THR A 115 -4.17 24.48 -2.71
N TYR A 116 -4.51 25.75 -2.54
CA TYR A 116 -4.45 26.39 -1.24
C TYR A 116 -5.37 25.71 -0.23
N THR A 117 -6.59 25.43 -0.66
CA THR A 117 -7.58 24.80 0.19
C THR A 117 -7.18 23.40 0.67
N LEU A 118 -6.68 22.57 -0.24
CA LEU A 118 -6.24 21.24 0.10
C LEU A 118 -5.08 21.25 1.08
N LEU A 119 -4.10 22.10 0.81
CA LEU A 119 -2.91 22.17 1.63
C LEU A 119 -3.17 22.78 3.00
N ARG A 120 -4.01 23.79 3.07
CA ARG A 120 -4.49 24.31 4.33
C ARG A 120 -5.10 23.19 5.18
N ASP A 121 -5.97 22.40 4.57
CA ASP A 121 -6.63 21.32 5.25
C ASP A 121 -5.62 20.28 5.69
N ALA A 122 -4.72 19.93 4.79
CA ALA A 122 -3.66 18.99 5.08
C ALA A 122 -2.80 19.41 6.27
N HIS A 123 -2.56 20.71 6.38
CA HIS A 123 -1.70 21.26 7.42
C HIS A 123 -2.34 21.19 8.80
N ARG A 124 -3.61 20.82 8.85
CA ARG A 124 -4.28 20.53 10.10
C ARG A 124 -3.82 19.22 10.73
N ILE A 125 -3.26 18.35 9.91
CA ILE A 125 -2.81 17.04 10.36
C ILE A 125 -1.38 17.13 10.85
N ASP A 126 -1.20 16.86 12.14
CA ASP A 126 0.08 16.53 12.73
C ASP A 126 0.30 15.03 12.70
N LEU A 127 1.37 14.61 12.06
CA LEU A 127 1.57 13.22 11.74
C LEU A 127 1.92 12.34 12.94
N GLU A 128 2.12 12.93 14.12
CA GLU A 128 2.52 12.05 15.24
C GLU A 128 1.35 11.76 16.16
N LYS A 129 0.22 12.45 15.98
CA LYS A 129 -0.80 12.44 17.00
C LYS A 129 -1.85 11.38 16.77
N GLY A 130 -1.99 10.90 15.53
CA GLY A 130 -3.15 10.03 15.22
C GLY A 130 -4.34 10.86 14.67
N LEU A 131 -5.04 10.34 13.65
CA LEU A 131 -6.13 11.05 13.07
C LEU A 131 -7.33 11.15 13.95
N GLU A 132 -7.39 10.37 15.04
CA GLU A 132 -8.58 10.41 15.93
C GLU A 132 -8.36 11.41 17.11
N ASN A 133 -7.18 12.00 17.22
CA ASN A 133 -6.85 12.84 18.34
C ASN A 133 -6.69 14.33 17.97
N GLN A 134 -7.30 14.80 16.90
CA GLN A 134 -6.95 16.14 16.44
C GLN A 134 -8.13 16.98 16.01
N ASP A 135 -9.32 16.57 16.36
CA ASP A 135 -10.53 17.31 15.93
C ASP A 135 -10.64 17.43 14.37
N LEU A 136 -10.47 16.31 13.69
CA LEU A 136 -10.42 16.29 12.23
C LEU A 136 -11.68 15.69 11.64
N GLU A 137 -12.67 15.44 12.49
CA GLU A 137 -13.89 14.75 12.10
C GLU A 137 -14.63 15.40 10.96
N ASP A 138 -14.56 16.73 10.88
CA ASP A 138 -15.25 17.46 9.85
C ASP A 138 -14.67 17.13 8.48
N LEU A 139 -13.44 16.63 8.47
CA LEU A 139 -12.81 16.22 7.23
C LEU A 139 -13.07 14.76 6.87
N ASP A 140 -13.49 13.98 7.86
CA ASP A 140 -13.76 12.57 7.67
C ASP A 140 -15.13 12.33 7.05
N ILE A 141 -15.21 12.65 5.77
CA ILE A 141 -16.44 12.60 5.00
C ILE A 141 -16.08 12.05 3.64
N PRO A 142 -17.08 11.63 2.88
CA PRO A 142 -16.82 11.00 1.59
C PRO A 142 -16.11 11.96 0.65
N LEU A 143 -15.07 11.46 -0.02
CA LEU A 143 -14.24 12.29 -0.86
C LEU A 143 -15.03 13.08 -1.88
N ASN A 144 -16.04 12.45 -2.48
CA ASN A 144 -16.83 13.13 -3.49
C ASN A 144 -17.52 14.37 -2.96
N GLU A 145 -17.99 14.30 -1.72
CA GLU A 145 -18.56 15.46 -1.07
C GLU A 145 -17.52 16.54 -0.81
N TYR A 146 -16.34 16.13 -0.42
CA TYR A 146 -15.30 17.11 -0.15
C TYR A 146 -14.93 17.82 -1.47
N VAL A 147 -14.72 17.00 -2.51
CA VAL A 147 -14.31 17.54 -3.75
C VAL A 147 -15.43 18.45 -4.34
N ASP A 148 -16.69 18.09 -4.12
CA ASP A 148 -17.80 18.97 -4.55
C ASP A 148 -17.72 20.33 -4.00
N LYS A 149 -17.30 20.47 -2.75
CA LYS A 149 -17.02 21.79 -2.18
C LYS A 149 -15.82 22.57 -2.73
N LEU A 150 -14.93 21.91 -3.45
CA LEU A 150 -13.87 22.63 -4.14
C LEU A 150 -14.38 23.28 -5.43
N ASP A 151 -15.50 22.76 -5.93
CA ASP A 151 -16.08 23.25 -7.18
C ASP A 151 -15.04 23.44 -8.27
N LEU A 152 -14.34 22.36 -8.61
CA LEU A 152 -13.39 22.37 -9.70
C LEU A 152 -14.06 22.22 -11.05
N PRO A 153 -13.57 22.96 -12.02
CA PRO A 153 -13.84 22.68 -13.42
C PRO A 153 -13.36 21.32 -13.88
N PRO A 154 -13.76 20.92 -15.07
CA PRO A 154 -13.93 19.50 -15.40
C PRO A 154 -12.61 18.77 -15.48
N VAL A 155 -11.59 19.38 -16.05
CA VAL A 155 -10.33 18.68 -16.26
C VAL A 155 -9.63 18.41 -14.93
N SER A 156 -9.40 19.46 -14.17
CA SER A 156 -8.82 19.35 -12.85
C SER A 156 -9.61 18.49 -11.86
N ARG A 157 -10.93 18.61 -11.89
CA ARG A 157 -11.80 17.75 -11.11
C ARG A 157 -11.59 16.27 -11.37
N GLN A 158 -11.63 15.88 -12.64
CA GLN A 158 -11.48 14.48 -13.01
C GLN A 158 -10.05 13.97 -12.83
N PHE A 159 -9.09 14.85 -13.02
CA PHE A 159 -7.71 14.53 -12.86
C PHE A 159 -7.45 14.18 -11.38
N LEU A 160 -7.87 15.05 -10.48
CA LEU A 160 -7.75 14.85 -9.07
C LEU A 160 -8.53 13.56 -8.66
N LEU A 161 -9.76 13.41 -9.09
CA LEU A 161 -10.53 12.24 -8.71
C LEU A 161 -9.92 10.92 -9.20
N ALA A 162 -9.42 10.92 -10.42
CA ALA A 162 -8.77 9.74 -10.98
C ALA A 162 -7.58 9.29 -10.16
N TRP A 163 -6.69 10.22 -9.82
CA TRP A 163 -5.51 9.87 -9.09
C TRP A 163 -5.86 9.42 -7.67
N ALA A 164 -6.87 10.06 -7.10
CA ALA A 164 -7.40 9.67 -5.80
C ALA A 164 -7.97 8.27 -5.79
N TRP A 165 -8.74 7.94 -6.82
CA TRP A 165 -9.20 6.58 -7.04
C TRP A 165 -8.03 5.60 -7.13
N ASN A 166 -7.10 5.87 -8.03
CA ASN A 166 -5.88 5.09 -8.13
C ASN A 166 -5.17 4.87 -6.77
N MET A 167 -4.96 5.96 -6.04
CA MET A 167 -4.03 5.95 -4.93
C MET A 167 -4.67 5.37 -3.67
N LEU A 168 -5.93 5.69 -3.44
CA LEU A 168 -6.64 5.18 -2.29
C LEU A 168 -7.21 3.78 -2.53
N GLY A 169 -7.37 3.40 -3.79
CA GLY A 169 -7.97 2.08 -4.08
C GLY A 169 -9.43 2.06 -3.65
N GLN A 170 -10.11 3.20 -3.74
CA GLN A 170 -11.53 3.27 -3.39
C GLN A 170 -12.21 4.30 -4.34
N PRO A 171 -13.47 4.04 -4.74
CA PRO A 171 -14.19 5.06 -5.48
C PRO A 171 -14.44 6.26 -4.59
N ALA A 172 -14.67 7.39 -5.24
CA ALA A 172 -14.79 8.64 -4.49
C ALA A 172 -15.89 8.68 -3.39
N ASP A 173 -16.96 7.95 -3.58
CA ASP A 173 -18.05 7.91 -2.61
C ASP A 173 -17.74 7.08 -1.36
N GLN A 174 -16.65 6.34 -1.40
CA GLN A 174 -16.29 5.44 -0.33
C GLN A 174 -15.01 5.89 0.37
N ALA A 175 -14.21 6.65 -0.35
CA ALA A 175 -12.99 7.22 0.18
C ALA A 175 -13.26 8.30 1.19
N SER A 176 -12.41 8.39 2.20
CA SER A 176 -12.42 9.49 3.12
C SER A 176 -11.52 10.63 2.70
N ALA A 177 -12.08 11.83 2.63
CA ALA A 177 -11.31 13.05 2.40
C ALA A 177 -10.13 13.22 3.32
N LEU A 178 -10.34 12.94 4.60
CA LEU A 178 -9.30 13.05 5.60
C LEU A 178 -8.13 12.15 5.28
N TRP A 179 -8.44 10.96 4.78
CA TRP A 179 -7.40 10.03 4.36
C TRP A 179 -6.65 10.53 3.15
N MET A 180 -7.35 11.10 2.18
CA MET A 180 -6.62 11.71 1.06
CA MET A 180 -6.64 11.71 1.06
C MET A 180 -5.67 12.76 1.63
N LEU A 181 -6.13 13.56 2.57
CA LEU A 181 -5.31 14.62 3.15
C LEU A 181 -4.13 14.09 3.94
N GLN A 182 -4.35 12.98 4.62
CA GLN A 182 -3.28 12.22 5.22
C GLN A 182 -2.15 11.83 4.26
N LEU A 183 -2.49 11.40 3.06
CA LEU A 183 -1.42 11.04 2.12
C LEU A 183 -0.69 12.32 1.65
N VAL A 184 -1.44 13.39 1.48
CA VAL A 184 -0.82 14.69 1.15
C VAL A 184 0.17 15.09 2.28
N ALA A 185 -0.27 15.04 3.56
CA ALA A 185 0.62 15.35 4.67
C ALA A 185 1.82 14.42 4.65
N ALA A 186 1.63 13.12 4.44
CA ALA A 186 2.78 12.20 4.49
C ALA A 186 3.82 12.53 3.48
N HIS A 187 3.44 13.18 2.39
CA HIS A 187 4.41 13.56 1.38
C HIS A 187 4.94 14.97 1.58
N HIS A 188 5.25 15.31 2.82
CA HIS A 188 5.81 16.60 3.17
C HIS A 188 4.86 17.71 2.73
N TYR A 189 3.58 17.49 2.98
CA TYR A 189 2.53 18.42 2.65
C TYR A 189 2.47 18.83 1.19
N SER A 190 2.34 17.84 0.32
CA SER A 190 2.39 18.04 -1.11
C SER A 190 1.35 17.17 -1.83
N ILE A 191 0.56 17.80 -2.69
CA ILE A 191 -0.38 17.07 -3.53
C ILE A 191 0.36 16.39 -4.68
N LEU A 192 1.19 17.16 -5.37
CA LEU A 192 2.01 16.67 -6.45
C LEU A 192 2.81 15.45 -6.02
N GLY A 193 3.33 15.51 -4.80
CA GLY A 193 4.26 14.51 -4.31
C GLY A 193 3.67 13.12 -4.26
N VAL A 194 2.38 13.03 -3.97
CA VAL A 194 1.68 11.76 -4.00
C VAL A 194 1.89 10.96 -5.28
N VAL A 195 1.82 11.64 -6.42
CA VAL A 195 2.01 11.00 -7.69
C VAL A 195 3.48 10.95 -8.10
N LEU A 196 4.21 11.97 -7.69
CA LEU A 196 5.63 11.98 -7.94
C LEU A 196 6.42 10.93 -7.16
N SER A 197 5.85 10.35 -6.11
CA SER A 197 6.60 9.31 -5.42
C SER A 197 6.62 7.98 -6.20
N LEU A 198 5.92 7.90 -7.34
CA LEU A 198 6.10 6.79 -8.29
C LEU A 198 7.35 7.04 -9.07
N ASP A 199 8.50 6.84 -8.45
CA ASP A 199 9.69 7.41 -9.05
C ASP A 199 10.66 6.31 -9.50
N GLU A 200 10.91 5.29 -8.68
CA GLU A 200 11.78 4.16 -9.15
C GLU A 200 11.17 2.84 -8.74
N VAL A 201 11.76 1.78 -9.28
CA VAL A 201 11.33 0.44 -9.02
C VAL A 201 12.59 -0.38 -8.74
N PHE A 202 12.46 -1.55 -8.10
CA PHE A 202 13.60 -2.50 -7.91
C PHE A 202 14.05 -3.04 -9.30
N SER A 203 15.28 -2.82 -9.71
CA SER A 203 15.70 -3.41 -11.00
C SER A 203 15.59 -4.93 -11.08
N ASN A 204 15.79 -5.64 -9.98
CA ASN A 204 15.60 -7.08 -9.98
C ASN A 204 14.39 -7.61 -9.21
N GLY A 205 13.43 -6.73 -8.91
CA GLY A 205 12.30 -7.11 -8.11
C GLY A 205 12.44 -6.89 -6.61
N SER A 206 11.31 -6.71 -5.94
CA SER A 206 11.29 -6.53 -4.51
C SER A 206 11.96 -7.68 -3.77
N ALA A 207 11.94 -8.86 -4.38
CA ALA A 207 12.53 -10.04 -3.78
C ALA A 207 14.03 -9.91 -3.53
N ASP A 208 14.73 -9.17 -4.38
CA ASP A 208 16.08 -8.74 -4.09
C ASP A 208 16.26 -8.29 -2.63
N LEU A 209 15.46 -7.33 -2.20
CA LEU A 209 15.56 -6.81 -0.86
C LEU A 209 15.04 -7.78 0.19
N VAL A 210 13.96 -8.48 -0.14
CA VAL A 210 13.42 -9.49 0.75
C VAL A 210 14.46 -10.56 1.06
N ASP A 211 15.12 -11.06 0.04
CA ASP A 211 16.14 -12.09 0.22
C ASP A 211 17.36 -11.61 1.00
N ALA A 212 17.82 -10.40 0.69
CA ALA A 212 18.87 -9.77 1.48
C ALA A 212 18.56 -9.71 2.97
N MET A 213 17.34 -9.27 3.31
CA MET A 213 16.98 -9.12 4.70
C MET A 213 16.85 -10.47 5.41
N SER A 214 16.27 -11.43 4.71
CA SER A 214 15.97 -12.72 5.32
C SER A 214 17.25 -13.49 5.62
N GLN A 215 18.29 -13.21 4.85
CA GLN A 215 19.61 -13.79 5.06
C GLN A 215 20.21 -13.44 6.41
N GLU A 216 19.73 -12.35 7.00
CA GLU A 216 20.19 -11.92 8.31
C GLU A 216 19.29 -12.43 9.43
N ILE A 217 18.29 -13.23 9.07
CA ILE A 217 17.37 -13.75 10.06
C ILE A 217 17.52 -15.25 10.22
N PRO A 218 17.97 -15.65 11.40
CA PRO A 218 18.48 -16.99 11.64
C PRO A 218 17.36 -18.01 11.74
N GLU A 219 16.22 -17.61 12.25
CA GLU A 219 15.12 -18.54 12.46
C GLU A 219 13.82 -18.10 11.82
N ILE A 220 13.44 -18.78 10.75
CA ILE A 220 12.20 -18.50 10.08
C ILE A 220 11.39 -19.78 9.89
N ARG A 221 10.11 -19.72 10.19
CA ARG A 221 9.18 -20.77 9.81
C ARG A 221 8.13 -20.30 8.82
N LEU A 222 8.15 -20.91 7.65
CA LEU A 222 7.11 -20.69 6.62
C LEU A 222 5.96 -21.64 6.90
N GLN A 223 4.87 -21.46 6.16
CA GLN A 223 3.64 -22.19 6.34
C GLN A 223 3.20 -22.39 7.77
N THR A 224 3.39 -21.36 8.57
CA THR A 224 3.04 -21.41 9.97
C THR A 224 2.07 -20.27 10.28
N VAL A 225 0.78 -20.60 10.31
CA VAL A 225 -0.27 -19.61 10.49
C VAL A 225 -0.62 -19.41 11.96
N VAL A 226 -0.41 -18.21 12.46
CA VAL A 226 -0.79 -17.92 13.84
C VAL A 226 -2.28 -17.73 13.98
N THR A 227 -2.84 -18.42 14.97
CA THR A 227 -4.27 -18.40 15.23
C THR A 227 -4.57 -17.83 16.62
N GLY A 228 -3.56 -17.74 17.45
CA GLY A 228 -3.76 -17.34 18.83
C GLY A 228 -2.57 -16.66 19.44
N ILE A 229 -2.83 -15.60 20.18
CA ILE A 229 -1.81 -14.93 20.95
C ILE A 229 -2.30 -14.60 22.36
N ASP A 230 -1.67 -15.21 23.35
CA ASP A 230 -2.18 -15.25 24.71
C ASP A 230 -1.10 -14.75 25.66
N GLN A 231 -1.33 -13.58 26.25
CA GLN A 231 -0.35 -13.00 27.15
C GLN A 231 -0.96 -13.03 28.57
N SER A 232 -1.91 -13.96 28.83
CA SER A 232 -2.43 -14.07 30.20
C SER A 232 -1.36 -14.54 31.23
N GLY A 233 -0.37 -15.29 30.78
CA GLY A 233 0.70 -15.71 31.67
C GLY A 233 1.86 -14.76 31.68
N ASP A 234 2.94 -15.18 32.33
CA ASP A 234 4.13 -14.37 32.44
C ASP A 234 4.81 -14.21 31.10
N VAL A 235 4.67 -15.22 30.25
CA VAL A 235 5.30 -15.26 28.95
C VAL A 235 4.23 -15.49 27.90
N VAL A 236 4.33 -14.78 26.79
CA VAL A 236 3.34 -14.87 25.73
C VAL A 236 3.38 -16.23 25.04
N ASN A 237 2.20 -16.82 24.88
CA ASN A 237 2.06 -18.04 24.11
C ASN A 237 1.37 -17.83 22.78
N VAL A 238 2.01 -18.29 21.73
CA VAL A 238 1.57 -18.11 20.36
C VAL A 238 1.16 -19.46 19.78
N THR A 239 -0.13 -19.65 19.59
CA THR A 239 -0.64 -20.87 19.00
C THR A 239 -0.81 -20.73 17.50
N VAL A 240 -0.74 -21.87 16.83
CA VAL A 240 -0.44 -21.95 15.43
C VAL A 240 -1.32 -23.06 14.87
N LYS A 241 -1.66 -22.99 13.59
CA LYS A 241 -2.79 -23.73 13.07
C LYS A 241 -2.64 -25.25 13.17
N ASP A 242 -1.47 -25.76 12.89
CA ASP A 242 -1.03 -27.06 13.36
C ASP A 242 -1.48 -27.33 14.80
N GLY A 243 -1.27 -26.40 15.68
CA GLY A 243 -1.46 -26.61 17.10
C GLY A 243 -0.17 -26.67 17.89
N HIS A 244 0.98 -26.43 17.23
CA HIS A 244 2.27 -26.52 17.93
CA HIS A 244 2.24 -26.50 18.02
C HIS A 244 2.90 -25.19 18.38
N ALA A 245 2.72 -24.83 19.65
CA ALA A 245 2.90 -23.46 20.12
C ALA A 245 4.34 -23.00 20.29
N PHE A 246 4.53 -21.69 20.32
CA PHE A 246 5.81 -21.05 20.57
C PHE A 246 5.64 -19.94 21.60
N GLN A 247 6.66 -19.66 22.39
CA GLN A 247 6.52 -18.74 23.51
C GLN A 247 7.56 -17.63 23.42
N ALA A 248 7.22 -16.42 23.87
CA ALA A 248 8.24 -15.36 23.88
C ALA A 248 7.88 -14.30 24.89
N HIS A 249 8.88 -13.49 25.28
CA HIS A 249 8.58 -12.45 26.19
C HIS A 249 7.78 -11.38 25.48
N SER A 250 8.07 -11.15 24.20
CA SER A 250 7.32 -10.11 23.43
C SER A 250 6.86 -10.68 22.12
N VAL A 251 5.70 -10.26 21.64
CA VAL A 251 5.25 -10.66 20.33
C VAL A 251 4.98 -9.45 19.43
N ILE A 252 5.53 -9.48 18.23
CA ILE A 252 5.22 -8.49 17.21
C ILE A 252 4.22 -9.01 16.20
N VAL A 253 3.05 -8.42 16.17
CA VAL A 253 2.11 -8.63 15.10
C VAL A 253 2.41 -7.79 13.86
N ALA A 254 3.02 -8.42 12.87
CA ALA A 254 3.32 -7.79 11.60
C ALA A 254 2.55 -8.43 10.45
N THR A 255 1.30 -8.78 10.72
CA THR A 255 0.39 -9.26 9.68
C THR A 255 -0.57 -8.15 9.28
N PRO A 256 -1.25 -8.28 8.15
CA PRO A 256 -2.13 -7.15 7.75
C PRO A 256 -3.26 -6.93 8.70
N MET A 257 -3.62 -5.67 8.88
CA MET A 257 -4.72 -5.27 9.75
C MET A 257 -5.98 -6.07 9.49
N ASN A 258 -6.27 -6.33 8.23
CA ASN A 258 -7.54 -7.02 8.01
C ASN A 258 -7.55 -8.51 8.36
N THR A 259 -6.41 -9.05 8.79
CA THR A 259 -6.37 -10.40 9.28
C THR A 259 -6.31 -10.49 10.81
N TRP A 260 -6.20 -9.37 11.56
CA TRP A 260 -6.18 -9.44 13.03
C TRP A 260 -7.41 -10.10 13.61
N ARG A 261 -8.55 -9.82 12.99
CA ARG A 261 -9.80 -10.31 13.46
C ARG A 261 -9.83 -11.87 13.39
N ARG A 262 -8.96 -12.55 12.65
CA ARG A 262 -8.97 -14.00 12.70
C ARG A 262 -8.09 -14.51 13.81
N ILE A 263 -7.32 -13.67 14.53
CA ILE A 263 -6.47 -14.20 15.58
C ILE A 263 -7.27 -14.09 16.86
N VAL A 264 -7.22 -15.12 17.70
CA VAL A 264 -7.72 -15.02 19.05
C VAL A 264 -6.69 -14.41 20.01
N PHE A 265 -6.99 -13.20 20.47
CA PHE A 265 -6.16 -12.53 21.44
C PHE A 265 -6.65 -12.78 22.86
N THR A 266 -5.73 -13.10 23.75
CA THR A 266 -6.03 -13.28 25.18
C THR A 266 -5.04 -12.52 26.04
N PRO A 267 -5.54 -11.57 26.81
CA PRO A 267 -6.95 -11.21 26.80
C PRO A 267 -7.33 -10.42 25.55
N ALA A 268 -8.61 -10.09 25.42
CA ALA A 268 -9.08 -9.40 24.25
C ALA A 268 -8.42 -8.04 24.11
N LEU A 269 -8.22 -7.60 22.88
CA LEU A 269 -7.61 -6.32 22.60
C LEU A 269 -8.42 -5.19 23.23
N PRO A 270 -7.79 -4.06 23.53
CA PRO A 270 -8.53 -2.99 24.21
C PRO A 270 -9.78 -2.64 23.37
N GLU A 271 -10.85 -2.35 24.08
CA GLU A 271 -12.15 -2.31 23.48
C GLU A 271 -12.33 -1.25 22.37
N ARG A 272 -11.67 -0.13 22.48
CA ARG A 272 -11.88 0.85 21.42
C ARG A 272 -11.31 0.48 20.03
N ARG A 273 -10.46 -0.55 19.99
CA ARG A 273 -9.87 -1.04 18.76
C ARG A 273 -10.76 -2.04 18.07
N ARG A 274 -11.70 -2.62 18.81
CA ARG A 274 -12.26 -3.91 18.45
C ARG A 274 -13.17 -3.79 17.25
N SER A 275 -13.97 -2.74 17.22
CA SER A 275 -14.94 -2.59 16.17
C SER A 275 -14.29 -2.38 14.80
N VAL A 276 -13.34 -1.47 14.71
CA VAL A 276 -12.61 -1.26 13.48
C VAL A 276 -11.85 -2.52 13.06
N ILE A 277 -11.28 -3.24 14.02
CA ILE A 277 -10.59 -4.46 13.71
C ILE A 277 -11.53 -5.52 13.12
N GLU A 278 -12.71 -5.64 13.69
CA GLU A 278 -13.71 -6.58 13.20
C GLU A 278 -14.15 -6.21 11.79
N GLU A 279 -14.44 -4.94 11.60
CA GLU A 279 -14.84 -4.41 10.30
C GLU A 279 -13.76 -4.52 9.23
N GLY A 280 -12.52 -4.26 9.60
CA GLY A 280 -11.45 -4.06 8.64
C GLY A 280 -11.48 -2.72 7.95
N HIS A 281 -10.35 -2.34 7.36
CA HIS A 281 -10.31 -1.08 6.60
C HIS A 281 -11.02 -1.29 5.26
N GLY A 282 -11.26 -0.22 4.53
CA GLY A 282 -12.06 -0.30 3.30
C GLY A 282 -11.21 -0.34 2.04
N GLY A 283 -9.92 -0.62 2.15
CA GLY A 283 -9.07 -0.70 0.98
C GLY A 283 -9.49 -1.72 -0.06
N GLN A 284 -9.70 -1.29 -1.29
CA GLN A 284 -10.10 -2.19 -2.37
C GLN A 284 -9.24 -2.04 -3.61
N GLY A 285 -8.06 -1.49 -3.42
CA GLY A 285 -7.11 -1.33 -4.49
C GLY A 285 -6.96 -2.57 -5.34
N LEU A 286 -6.79 -2.33 -6.63
CA LEU A 286 -6.67 -3.40 -7.60
C LEU A 286 -5.67 -3.02 -8.68
N LYS A 287 -4.58 -3.75 -8.74
CA LYS A 287 -3.53 -3.48 -9.69
C LYS A 287 -3.45 -4.59 -10.72
N ILE A 288 -3.63 -4.23 -11.99
CA ILE A 288 -3.73 -5.22 -13.05
C ILE A 288 -2.61 -5.00 -14.06
N LEU A 289 -1.77 -6.01 -14.25
CA LEU A 289 -0.81 -5.98 -15.33
C LEU A 289 -1.46 -6.47 -16.59
N ILE A 290 -1.33 -5.69 -17.64
CA ILE A 290 -2.02 -5.96 -18.89
C ILE A 290 -1.05 -6.14 -20.03
N HIS A 291 -1.04 -7.35 -20.56
CA HIS A 291 -0.20 -7.71 -21.68
C HIS A 291 -0.88 -7.22 -22.95
N VAL A 292 -0.20 -6.37 -23.69
CA VAL A 292 -0.77 -5.71 -24.85
C VAL A 292 0.08 -5.79 -26.09
N ARG A 293 -0.58 -5.69 -27.22
CA ARG A 293 0.07 -5.51 -28.51
C ARG A 293 -0.40 -4.23 -29.18
N GLY A 294 0.53 -3.52 -29.80
CA GLY A 294 0.21 -2.33 -30.57
C GLY A 294 0.29 -1.04 -29.79
N ALA A 295 0.72 -1.13 -28.53
CA ALA A 295 0.97 0.06 -27.73
C ALA A 295 2.37 0.63 -27.93
N GLU A 296 2.43 1.95 -28.14
CA GLU A 296 3.69 2.65 -28.17
C GLU A 296 4.30 2.66 -26.77
N ALA A 297 5.62 2.81 -26.71
CA ALA A 297 6.27 2.96 -25.43
C ALA A 297 5.95 4.27 -24.75
N GLY A 298 5.96 4.28 -23.43
CA GLY A 298 5.91 5.50 -22.66
C GLY A 298 4.53 6.10 -22.52
N ILE A 299 3.49 5.29 -22.68
CA ILE A 299 2.14 5.79 -22.53
C ILE A 299 1.79 6.05 -21.09
N GLU A 300 1.22 7.22 -20.82
CA GLU A 300 0.41 7.42 -19.64
C GLU A 300 -1.00 7.92 -19.95
N CYS A 301 -1.98 7.27 -19.37
CA CYS A 301 -3.36 7.66 -19.52
C CYS A 301 -3.99 7.90 -18.17
N VAL A 302 -4.56 9.08 -18.01
CA VAL A 302 -5.38 9.38 -16.86
C VAL A 302 -6.74 9.85 -17.33
N GLY A 303 -7.80 9.39 -16.68
CA GLY A 303 -9.12 9.86 -17.03
C GLY A 303 -10.28 9.37 -16.20
N ASP A 304 -11.45 9.38 -16.84
CA ASP A 304 -12.70 9.10 -16.18
C ASP A 304 -13.18 7.69 -16.48
N GLY A 305 -12.30 6.85 -17.00
CA GLY A 305 -12.61 5.46 -17.21
C GLY A 305 -12.74 4.66 -15.93
N ILE A 306 -13.33 3.48 -16.04
CA ILE A 306 -13.30 2.50 -14.98
C ILE A 306 -11.89 2.14 -14.52
N PHE A 307 -10.91 2.28 -15.42
CA PHE A 307 -9.52 2.48 -15.02
C PHE A 307 -9.22 3.98 -15.02
N PRO A 308 -9.11 4.57 -13.85
CA PRO A 308 -8.72 5.98 -13.75
C PRO A 308 -7.32 6.25 -14.30
N THR A 309 -6.42 5.30 -14.09
CA THR A 309 -5.09 5.33 -14.67
C THR A 309 -4.73 4.07 -15.43
N LEU A 310 -3.93 4.27 -16.47
CA LEU A 310 -3.38 3.19 -17.24
C LEU A 310 -2.04 3.65 -17.80
N TYR A 311 -0.95 2.99 -17.42
CA TYR A 311 0.30 3.53 -17.89
C TYR A 311 1.36 2.44 -18.18
N ASP A 312 2.44 2.86 -18.83
CA ASP A 312 3.45 1.95 -19.31
C ASP A 312 4.14 1.21 -18.14
N TYR A 313 4.43 -0.07 -18.34
CA TYR A 313 5.12 -0.86 -17.26
C TYR A 313 6.37 -1.46 -17.81
N CYS A 314 6.27 -2.32 -18.83
CA CYS A 314 7.53 -2.69 -19.45
C CYS A 314 7.43 -3.23 -20.87
N GLU A 315 8.55 -3.13 -21.58
CA GLU A 315 8.74 -3.74 -22.88
C GLU A 315 8.81 -5.25 -22.79
N VAL A 316 8.01 -5.92 -23.59
CA VAL A 316 8.11 -7.35 -23.76
C VAL A 316 8.84 -7.67 -25.04
N SER A 317 8.46 -6.97 -26.11
CA SER A 317 9.10 -7.10 -27.40
C SER A 317 8.92 -5.82 -28.17
N GLU A 318 9.19 -5.89 -29.47
CA GLU A 318 9.07 -4.75 -30.36
C GLU A 318 7.61 -4.37 -30.54
N SER A 319 6.74 -5.34 -30.32
CA SER A 319 5.33 -5.18 -30.57
C SER A 319 4.46 -5.38 -29.33
N GLU A 320 5.05 -5.89 -28.26
CA GLU A 320 4.33 -6.25 -27.07
C GLU A 320 4.86 -5.52 -25.83
N ARG A 321 3.95 -5.24 -24.90
CA ARG A 321 4.28 -4.53 -23.68
C ARG A 321 3.42 -5.03 -22.54
N LEU A 322 3.86 -4.75 -21.32
CA LEU A 322 2.93 -4.70 -20.20
C LEU A 322 2.56 -3.26 -19.87
N LEU A 323 1.27 -3.04 -19.71
CA LEU A 323 0.76 -1.87 -19.01
C LEU A 323 0.27 -2.22 -17.62
N VAL A 324 0.15 -1.19 -16.80
CA VAL A 324 -0.50 -1.31 -15.52
C VAL A 324 -1.71 -0.41 -15.37
N ALA A 325 -2.79 -1.01 -14.88
CA ALA A 325 -3.99 -0.29 -14.58
C ALA A 325 -4.30 -0.41 -13.09
N PHE A 326 -4.77 0.68 -12.52
CA PHE A 326 -5.35 0.65 -11.20
C PHE A 326 -6.84 0.97 -11.25
N THR A 327 -7.62 0.23 -10.49
CA THR A 327 -9.03 0.49 -10.27
C THR A 327 -9.31 -0.02 -8.86
N ASP A 328 -10.54 -0.46 -8.59
CA ASP A 328 -10.73 -1.11 -7.28
C ASP A 328 -11.66 -2.34 -7.50
N SER A 329 -11.60 -3.30 -6.56
CA SER A 329 -12.20 -4.65 -6.75
C SER A 329 -13.69 -4.56 -6.41
N GLY A 330 -14.13 -3.47 -5.81
CA GLY A 330 -15.61 -3.29 -5.62
C GLY A 330 -16.20 -2.82 -6.96
N SER A 331 -15.44 -2.08 -7.73
CA SER A 331 -15.94 -1.54 -8.98
C SER A 331 -15.73 -2.43 -10.21
N PHE A 332 -14.68 -3.24 -10.18
CA PHE A 332 -14.20 -3.89 -11.39
C PHE A 332 -13.91 -5.36 -11.15
N ASP A 333 -14.30 -6.19 -12.12
CA ASP A 333 -13.96 -7.60 -12.11
C ASP A 333 -12.90 -7.96 -13.13
N PRO A 334 -11.70 -8.22 -12.65
CA PRO A 334 -10.54 -8.44 -13.50
C PRO A 334 -10.61 -9.76 -14.28
N THR A 335 -11.44 -10.68 -13.84
CA THR A 335 -11.66 -11.92 -14.57
C THR A 335 -12.66 -11.79 -15.72
N ASP A 336 -13.26 -10.61 -15.86
CA ASP A 336 -14.07 -10.29 -17.02
C ASP A 336 -13.19 -9.59 -18.05
N ILE A 337 -12.58 -10.38 -18.91
CA ILE A 337 -11.59 -9.86 -19.85
C ILE A 337 -12.21 -8.94 -20.87
N GLY A 338 -13.47 -9.17 -21.18
CA GLY A 338 -14.24 -8.26 -22.01
C GLY A 338 -14.30 -6.88 -21.41
N ALA A 339 -14.56 -6.81 -20.11
CA ALA A 339 -14.44 -5.58 -19.34
C ALA A 339 -13.05 -4.95 -19.41
N VAL A 340 -12.03 -5.75 -19.21
CA VAL A 340 -10.67 -5.27 -19.36
C VAL A 340 -10.43 -4.64 -20.73
N LYS A 341 -10.90 -5.31 -21.76
CA LYS A 341 -10.72 -4.85 -23.12
C LYS A 341 -11.41 -3.50 -23.32
N ASP A 342 -12.64 -3.39 -22.85
CA ASP A 342 -13.38 -2.15 -22.91
C ASP A 342 -12.66 -1.00 -22.17
N ALA A 343 -12.11 -1.31 -20.99
CA ALA A 343 -11.51 -0.29 -20.13
C ALA A 343 -10.26 0.20 -20.76
N VAL A 344 -9.53 -0.68 -21.45
CA VAL A 344 -8.23 -0.29 -22.07
C VAL A 344 -8.54 0.51 -23.38
N LEU A 345 -9.47 -0.02 -24.17
CA LEU A 345 -9.73 0.60 -25.50
C LEU A 345 -10.38 1.98 -25.32
N TYR A 346 -10.96 2.23 -24.16
CA TYR A 346 -11.47 3.57 -23.87
C TYR A 346 -10.37 4.62 -24.04
N TYR A 347 -9.19 4.32 -23.52
CA TYR A 347 -8.05 5.21 -23.62
C TYR A 347 -7.27 4.95 -24.91
N LEU A 348 -7.21 3.70 -25.31
CA LEU A 348 -6.24 3.26 -26.30
C LEU A 348 -6.90 2.35 -27.34
N PRO A 349 -7.63 2.93 -28.27
CA PRO A 349 -8.53 2.18 -29.13
C PRO A 349 -7.81 1.35 -30.18
N GLU A 350 -6.50 1.53 -30.28
CA GLU A 350 -5.69 0.83 -31.26
C GLU A 350 -5.03 -0.43 -30.71
N VAL A 351 -5.14 -0.65 -29.41
CA VAL A 351 -4.32 -1.63 -28.71
C VAL A 351 -5.11 -2.93 -28.54
N GLU A 352 -4.44 -4.07 -28.69
CA GLU A 352 -5.08 -5.36 -28.37
C GLU A 352 -4.61 -5.91 -27.07
N VAL A 353 -5.55 -6.25 -26.21
CA VAL A 353 -5.28 -6.96 -24.99
C VAL A 353 -4.99 -8.44 -25.23
N LEU A 354 -3.84 -8.89 -24.78
CA LEU A 354 -3.45 -10.29 -24.91
C LEU A 354 -3.71 -11.10 -23.65
N GLY A 355 -3.80 -10.43 -22.52
CA GLY A 355 -3.95 -11.11 -21.26
C GLY A 355 -3.73 -10.22 -20.06
N ILE A 356 -4.04 -10.76 -18.88
CA ILE A 356 -3.91 -10.02 -17.65
C ILE A 356 -3.28 -10.84 -16.53
N ASP A 357 -2.69 -10.15 -15.58
CA ASP A 357 -2.11 -10.75 -14.39
C ASP A 357 -2.42 -9.85 -13.20
N TYR A 358 -2.80 -10.46 -12.09
CA TYR A 358 -3.00 -9.75 -10.85
C TYR A 358 -3.02 -10.76 -9.72
N HIS A 359 -3.01 -10.26 -8.50
CA HIS A 359 -3.32 -11.08 -7.35
C HIS A 359 -4.55 -10.54 -6.65
N ASP A 360 -5.52 -11.42 -6.38
CA ASP A 360 -6.70 -11.08 -5.62
C ASP A 360 -6.38 -10.98 -4.13
N TRP A 361 -5.82 -9.86 -3.72
CA TRP A 361 -5.37 -9.65 -2.35
C TRP A 361 -6.51 -9.78 -1.34
N ILE A 362 -7.69 -9.31 -1.74
CA ILE A 362 -8.84 -9.31 -0.88
C ILE A 362 -9.33 -10.73 -0.58
N ALA A 363 -9.18 -11.63 -1.54
CA ALA A 363 -9.62 -13.00 -1.36
C ALA A 363 -8.59 -13.88 -0.66
N ASP A 364 -7.35 -13.40 -0.56
CA ASP A 364 -6.26 -14.16 0.01
C ASP A 364 -6.34 -14.11 1.54
N PRO A 365 -6.47 -15.27 2.16
CA PRO A 365 -6.70 -15.33 3.61
C PRO A 365 -5.53 -14.81 4.44
N LEU A 366 -4.34 -14.78 3.85
CA LEU A 366 -3.18 -14.15 4.46
C LEU A 366 -3.13 -12.62 4.37
N PHE A 367 -4.18 -12.01 3.83
CA PHE A 367 -4.19 -10.58 3.59
C PHE A 367 -5.56 -9.93 3.79
N GLU A 368 -6.57 -10.45 3.12
CA GLU A 368 -7.93 -9.94 3.21
C GLU A 368 -8.02 -8.47 2.82
N GLY A 369 -7.23 -8.09 1.82
CA GLY A 369 -7.10 -6.71 1.42
C GLY A 369 -5.78 -6.38 0.78
N PRO A 370 -5.77 -5.36 -0.06
CA PRO A 370 -4.55 -4.74 -0.55
C PRO A 370 -3.99 -3.75 0.47
N TRP A 371 -3.53 -2.59 0.03
CA TRP A 371 -3.07 -1.58 0.96
C TRP A 371 -4.18 -0.91 1.76
N VAL A 372 -3.82 -0.35 2.90
CA VAL A 372 -4.76 0.32 3.79
C VAL A 372 -5.47 1.54 3.18
N ALA A 373 -6.79 1.57 3.34
CA ALA A 373 -7.55 2.80 3.31
C ALA A 373 -8.80 2.69 4.15
N PRO A 374 -9.03 3.67 5.02
CA PRO A 374 -10.13 3.61 5.95
C PRO A 374 -11.45 3.76 5.22
N ARG A 375 -12.46 3.08 5.72
CA ARG A 375 -13.83 3.52 5.56
C ARG A 375 -14.06 4.89 6.17
N VAL A 376 -14.99 5.62 5.57
CA VAL A 376 -15.37 6.92 6.07
C VAL A 376 -15.79 6.83 7.52
N GLY A 377 -15.22 7.71 8.33
CA GLY A 377 -15.49 7.67 9.74
C GLY A 377 -14.62 6.75 10.55
N GLN A 378 -13.92 5.81 9.95
CA GLN A 378 -13.14 4.92 10.84
C GLN A 378 -12.02 5.62 11.63
N PHE A 379 -11.08 6.26 10.94
CA PHE A 379 -9.81 6.67 11.56
C PHE A 379 -9.98 7.99 12.34
N SER A 380 -11.09 8.69 12.14
CA SER A 380 -11.26 9.78 13.08
C SER A 380 -11.87 9.22 14.42
N ARG A 381 -12.37 7.97 14.50
CA ARG A 381 -12.61 7.31 15.79
C ARG A 381 -11.43 6.63 16.43
N VAL A 382 -10.72 5.83 15.66
CA VAL A 382 -9.53 5.18 16.16
C VAL A 382 -8.45 4.82 15.16
N HIS A 383 -7.25 5.31 15.39
CA HIS A 383 -6.18 5.19 14.42
C HIS A 383 -4.77 4.99 14.93
N LYS A 384 -4.29 5.92 15.75
CA LYS A 384 -3.05 5.72 16.48
C LYS A 384 -3.11 4.50 17.38
N GLU A 385 -4.25 4.29 18.02
CA GLU A 385 -4.42 3.18 18.94
C GLU A 385 -4.20 1.81 18.31
N LEU A 386 -4.57 1.70 17.05
CA LEU A 386 -4.38 0.43 16.27
C LEU A 386 -2.96 -0.02 16.25
N GLY A 387 -2.02 0.91 16.27
CA GLY A 387 -0.58 0.49 16.16
C GLY A 387 0.16 0.66 17.48
N GLU A 388 -0.59 0.86 18.54
CA GLU A 388 0.03 0.88 19.88
C GLU A 388 0.08 -0.51 20.56
N PRO A 389 1.07 -0.78 21.43
CA PRO A 389 1.14 -2.11 22.11
C PRO A 389 -0.10 -2.34 22.98
N ALA A 390 -0.50 -3.58 23.08
CA ALA A 390 -1.50 -4.05 24.09
C ALA A 390 -0.68 -4.96 24.97
N GLY A 391 -0.25 -4.45 26.13
CA GLY A 391 0.73 -5.15 26.96
C GLY A 391 2.02 -5.54 26.24
N ARG A 392 2.27 -6.83 26.08
CA ARG A 392 3.50 -7.29 25.46
C ARG A 392 3.37 -7.59 23.93
N ILE A 393 2.20 -7.29 23.37
CA ILE A 393 1.95 -7.49 21.94
C ILE A 393 2.06 -6.13 21.23
N HIS A 394 3.02 -5.98 20.31
CA HIS A 394 3.17 -4.80 19.50
C HIS A 394 2.48 -5.01 18.15
N PHE A 395 1.97 -3.92 17.58
CA PHE A 395 1.30 -4.00 16.27
C PHE A 395 2.12 -3.14 15.29
N VAL A 396 2.62 -3.73 14.24
CA VAL A 396 3.39 -2.99 13.25
C VAL A 396 2.82 -3.21 11.86
N GLY A 397 3.46 -2.63 10.87
CA GLY A 397 3.00 -2.76 9.51
C GLY A 397 2.62 -1.45 8.85
N SER A 398 2.77 -1.43 7.54
CA SER A 398 2.24 -0.38 6.70
C SER A 398 0.83 0.10 7.03
N ASP A 399 -0.07 -0.85 7.28
CA ASP A 399 -1.45 -0.55 7.61
C ASP A 399 -1.61 0.44 8.75
N VAL A 400 -0.70 0.41 9.72
CA VAL A 400 -0.81 1.23 10.93
C VAL A 400 0.20 2.36 11.04
N SER A 401 0.99 2.59 10.00
CA SER A 401 1.94 3.69 10.03
C SER A 401 1.21 5.02 10.15
N LEU A 402 1.60 5.85 11.09
CA LEU A 402 1.12 7.22 11.13
C LEU A 402 1.84 8.09 10.11
N GLU A 403 3.03 7.66 9.74
CA GLU A 403 3.95 8.52 9.03
C GLU A 403 3.92 8.28 7.53
N PHE A 404 3.82 7.02 7.14
CA PHE A 404 3.67 6.67 5.74
C PHE A 404 2.78 5.47 5.46
N PRO A 405 1.50 5.57 5.80
CA PRO A 405 0.61 4.43 5.69
C PRO A 405 0.38 4.01 4.25
N GLY A 406 0.39 2.72 4.02
CA GLY A 406 0.06 2.13 2.75
C GLY A 406 1.32 2.00 1.89
N TYR A 407 2.47 2.43 2.40
CA TYR A 407 3.70 2.34 1.64
C TYR A 407 4.66 1.37 2.30
N ILE A 408 5.57 0.81 1.51
CA ILE A 408 6.68 0.09 2.08
C ILE A 408 7.40 0.85 3.19
N GLU A 409 7.60 2.15 2.98
CA GLU A 409 8.21 2.99 3.99
C GLU A 409 7.50 2.92 5.35
N GLY A 410 6.18 2.85 5.34
CA GLY A 410 5.42 2.69 6.57
C GLY A 410 5.63 1.38 7.30
N ALA A 411 5.77 0.29 6.56
CA ALA A 411 6.21 -0.96 7.15
C ALA A 411 7.54 -0.85 7.88
N LEU A 412 8.50 -0.18 7.26
CA LEU A 412 9.81 0.00 7.85
C LEU A 412 9.76 0.91 9.07
N GLU A 413 8.98 1.98 8.96
CA GLU A 413 8.84 2.95 10.04
C GLU A 413 8.29 2.31 11.31
N THR A 414 7.19 1.59 11.16
CA THR A 414 6.53 0.96 12.29
C THR A 414 7.42 -0.09 12.95
N ALA A 415 8.13 -0.87 12.14
CA ALA A 415 9.13 -1.81 12.64
C ALA A 415 10.20 -1.14 13.48
N GLU A 416 10.76 -0.05 12.98
CA GLU A 416 11.63 0.82 13.76
C GLU A 416 11.11 1.04 15.18
N CYS A 417 9.87 1.49 15.29
CA CYS A 417 9.32 1.87 16.57
C CYS A 417 9.11 0.70 17.52
N ALA A 418 8.68 -0.45 17.00
CA ALA A 418 8.45 -1.63 17.82
C ALA A 418 9.79 -2.12 18.34
N VAL A 419 10.82 -2.09 17.47
CA VAL A 419 12.15 -2.58 17.84
C VAL A 419 12.68 -1.70 19.02
N ASN A 420 12.59 -0.40 18.84
CA ASN A 420 13.03 0.52 19.87
C ASN A 420 12.28 0.37 21.16
N ALA A 421 10.97 0.22 21.10
CA ALA A 421 10.14 -0.05 22.26
C ALA A 421 10.56 -1.34 22.98
N ILE A 422 10.98 -2.36 22.24
CA ILE A 422 11.30 -3.61 22.84
C ILE A 422 12.68 -3.50 23.48
N LEU A 423 13.64 -2.87 22.77
CA LEU A 423 14.96 -2.69 23.31
C LEU A 423 14.91 -1.86 24.63
N HIS A 424 14.06 -0.85 24.74
CA HIS A 424 13.89 -0.15 26.01
C HIS A 424 13.01 -0.95 26.97
N SER A 425 13.65 -1.85 27.74
CA SER A 425 12.94 -2.66 28.75
C SER A 425 11.95 -3.53 28.00
#